data_6AKD
#
_entry.id   6AKD
#
_cell.length_a   68.526
_cell.length_b   68.526
_cell.length_c   225.169
_cell.angle_alpha   90.00
_cell.angle_beta   90.00
_cell.angle_gamma   90.00
#
_symmetry.space_group_name_H-M   'P 41 21 2'
#
loop_
_entity.id
_entity.type
_entity.pdbx_description
1 polymer 'AMP-dependent synthetase and ligase'
2 non-polymer "'5'-O-(N-(L-ALANYL)-SULFAMOYL)ADENOSINE"
3 non-polymer GLYCEROL
4 water water
#
_entity_poly.entity_id   1
_entity_poly.type   'polypeptide(L)'
_entity_poly.pdbx_seq_one_letter_code
;MNHKVHHHHHHIEGRHMDGILDHGLHARFLRGLSAAPDGAAVRIGTTSVSYRHLHRTALLWAGALTAAGARSVGVLAGKS
ATGYAGILAALYAGAAVVPLRPDFPAARTREVLRASDADVLIADRAGLPVLAGALAGDGAADVPVLAPDALDGELPEGVA
RLVPRPELSLSEPARCKPADPAYLLFTSGSTGRPKGVVITHGATGHYFDVMERRYDFGASDVFSQAFDLNFDCAVFDLFC
AWGAGATVVPVPPPAYRDLPGFITAQGITVWFSTPSVIDLTRRLGALDGPRMPGLRWSLFAGEALKCRDAADWRAAAPGA
TLENLYGPTELTITVAAHRWDDEESPRAAVNGLAPIGAVNDGHDHLLLGPDGDPSPDEGELWVTGPQLAAGYLDPADERG
RFAERDGRRWYRTGDRVRRAPGGDLVYVGRLDSQLQVHGWRVEPAEVEHAVRACGADDAVVVGVDTPGGTELVAFYTGIP
VEPRELVRRLREVVPDGVLPRHFRHLDAFPLNANRKTDRLRLTTMAADGYGPRSGPAL
;
_entity_poly.pdbx_strand_id   A
#
# COMPACT_ATOMS: atom_id res chain seq x y z
N LEU A 21 -5.97 26.90 3.55
CA LEU A 21 -5.58 25.39 3.47
C LEU A 21 -5.18 24.87 2.09
N ASP A 22 -4.27 25.58 1.44
CA ASP A 22 -3.82 25.27 0.13
C ASP A 22 -2.42 24.68 0.25
N HIS A 23 -2.01 24.25 1.46
CA HIS A 23 -0.58 24.01 1.69
C HIS A 23 0.03 22.87 0.85
N GLY A 24 -0.80 21.88 0.54
CA GLY A 24 -0.36 20.61 -0.04
C GLY A 24 -1.00 19.39 0.67
N LEU A 25 -0.38 18.25 0.56
CA LEU A 25 -0.82 17.07 1.22
C LEU A 25 -1.10 17.31 2.74
N HIS A 26 -0.20 18.00 3.38
CA HIS A 26 -0.32 18.23 4.81
C HIS A 26 -1.50 19.13 5.14
N ALA A 27 -2.15 19.73 4.12
CA ALA A 27 -3.32 20.51 4.40
C ALA A 27 -4.47 19.63 4.78
N ARG A 28 -4.45 18.37 4.41
CA ARG A 28 -5.41 17.42 4.95
C ARG A 28 -5.27 17.29 6.45
N PHE A 29 -4.05 17.17 6.95
CA PHE A 29 -3.85 17.18 8.40
C PHE A 29 -4.35 18.52 9.03
N LEU A 30 -4.06 19.65 8.39
CA LEU A 30 -4.56 20.94 8.91
C LEU A 30 -6.08 20.98 8.96
N ARG A 31 -6.76 20.23 8.10
CA ARG A 31 -8.21 20.27 8.13
C ARG A 31 -8.72 19.51 9.34
N GLY A 32 -8.09 18.37 9.66
CA GLY A 32 -8.41 17.62 10.87
C GLY A 32 -8.15 18.43 12.08
N LEU A 33 -7.01 19.11 12.08
CA LEU A 33 -6.61 19.97 13.20
C LEU A 33 -7.68 21.04 13.51
N SER A 34 -8.13 21.69 12.45
CA SER A 34 -9.26 22.62 12.49
C SER A 34 -10.59 21.96 12.94
N ALA A 35 -10.85 20.71 12.53
CA ALA A 35 -12.09 20.04 12.99
C ALA A 35 -12.01 19.39 14.42
N ALA A 36 -10.86 18.88 14.84
CA ALA A 36 -10.78 18.19 16.15
C ALA A 36 -9.39 18.41 16.74
N PRO A 37 -9.06 19.67 17.04
CA PRO A 37 -7.70 19.94 17.47
C PRO A 37 -7.27 19.08 18.66
N ASP A 38 -8.19 18.83 19.57
CA ASP A 38 -7.90 18.06 20.79
C ASP A 38 -8.36 16.64 20.72
N GLY A 39 -8.85 16.25 19.56
CA GLY A 39 -9.14 14.84 19.31
C GLY A 39 -7.85 14.05 19.01
N ALA A 40 -7.98 12.73 19.03
CA ALA A 40 -6.82 11.85 18.89
C ALA A 40 -6.51 11.74 17.45
N ALA A 41 -5.31 12.16 17.07
CA ALA A 41 -4.86 12.05 15.68
C ALA A 41 -4.30 10.60 15.43
N VAL A 42 -3.67 10.00 16.47
CA VAL A 42 -3.02 8.71 16.36
C VAL A 42 -3.15 8.03 17.73
N ARG A 43 -3.51 6.77 17.76
CA ARG A 43 -3.71 6.05 19.00
C ARG A 43 -2.67 4.95 18.95
N ILE A 44 -1.71 5.02 19.86
CA ILE A 44 -0.64 4.06 19.89
C ILE A 44 -0.74 3.25 21.20
N GLY A 45 -1.24 2.03 21.10
CA GLY A 45 -1.49 1.18 22.29
C GLY A 45 -2.54 1.86 23.17
N THR A 46 -2.22 2.09 24.44
CA THR A 46 -3.18 2.66 25.38
C THR A 46 -3.11 4.17 25.48
N THR A 47 -2.45 4.84 24.55
CA THR A 47 -2.40 6.28 24.60
C THR A 47 -2.62 6.87 23.18
N SER A 48 -2.90 8.16 23.19
CA SER A 48 -3.30 8.94 22.02
C SER A 48 -2.30 10.08 21.89
N VAL A 49 -2.12 10.60 20.67
CA VAL A 49 -1.53 11.91 20.48
C VAL A 49 -2.57 12.77 19.75
N SER A 50 -2.78 13.99 20.26
CA SER A 50 -3.81 14.87 19.69
C SER A 50 -3.33 15.59 18.40
N TYR A 51 -4.27 16.07 17.55
CA TYR A 51 -3.90 16.91 16.41
C TYR A 51 -3.01 18.05 16.86
N ARG A 52 -3.48 18.71 17.91
CA ARG A 52 -2.74 19.89 18.41
C ARG A 52 -1.33 19.55 18.76
N HIS A 53 -1.12 18.46 19.49
CA HIS A 53 0.24 18.05 19.86
C HIS A 53 1.08 17.61 18.65
N LEU A 54 0.51 16.91 17.68
CA LEU A 54 1.28 16.62 16.50
C LEU A 54 1.70 17.91 15.73
N HIS A 55 0.76 18.81 15.60
CA HIS A 55 0.95 20.11 14.92
C HIS A 55 2.13 20.86 15.53
N ARG A 56 2.11 21.03 16.83
CA ARG A 56 3.17 21.81 17.48
C ARG A 56 4.52 21.16 17.39
N THR A 57 4.52 19.83 17.46
CA THR A 57 5.78 19.06 17.28
C THR A 57 6.30 19.24 15.86
N ALA A 58 5.40 19.13 14.88
CA ALA A 58 5.83 19.29 13.53
C ALA A 58 6.35 20.72 13.21
N LEU A 59 5.71 21.76 13.77
CA LEU A 59 6.18 23.12 13.62
C LEU A 59 7.58 23.31 14.19
N LEU A 60 7.82 22.76 15.38
CA LEU A 60 9.13 22.74 16.04
C LEU A 60 10.13 21.99 15.20
N TRP A 61 9.85 20.75 14.84
CA TRP A 61 10.85 20.00 14.08
C TRP A 61 11.08 20.64 12.72
N ALA A 62 10.02 21.13 12.08
CA ALA A 62 10.14 21.71 10.75
C ALA A 62 11.06 22.94 10.77
N GLY A 63 11.03 23.69 11.88
CA GLY A 63 11.92 24.86 11.98
C GLY A 63 13.39 24.45 11.94
N ALA A 64 13.67 23.28 12.50
CA ALA A 64 15.05 22.80 12.49
C ALA A 64 15.32 22.30 11.09
N LEU A 65 14.35 21.62 10.49
CA LEU A 65 14.59 21.12 9.11
C LEU A 65 14.76 22.28 8.10
N THR A 66 13.91 23.27 8.23
CA THR A 66 14.02 24.46 7.45
C THR A 66 15.40 25.16 7.63
N ALA A 67 15.89 25.34 8.86
CA ALA A 67 17.16 26.01 9.02
C ALA A 67 18.27 25.20 8.38
N ALA A 68 18.16 23.88 8.37
CA ALA A 68 19.21 23.09 7.74
C ALA A 68 19.03 22.97 6.21
N GLY A 69 18.03 23.61 5.61
CA GLY A 69 17.83 23.54 4.16
C GLY A 69 17.27 22.26 3.52
N ALA A 70 16.50 21.50 4.29
CA ALA A 70 16.05 20.19 3.92
C ALA A 70 15.06 20.21 2.76
N ARG A 71 15.34 19.41 1.72
CA ARG A 71 14.44 19.23 0.61
C ARG A 71 13.85 17.81 0.61
N SER A 72 14.58 16.89 1.21
CA SER A 72 14.21 15.50 1.37
C SER A 72 14.56 15.03 2.76
N VAL A 73 13.61 14.43 3.47
CA VAL A 73 13.86 14.04 4.86
C VAL A 73 13.67 12.54 4.98
N GLY A 74 14.71 11.84 5.38
CA GLY A 74 14.54 10.45 5.64
C GLY A 74 13.80 10.27 6.97
N VAL A 75 12.70 9.52 6.95
CA VAL A 75 11.99 9.14 8.20
C VAL A 75 12.24 7.65 8.59
N LEU A 76 13.21 7.49 9.46
CA LEU A 76 13.73 6.19 9.84
C LEU A 76 13.03 5.81 11.16
N ALA A 77 11.89 5.16 11.02
CA ALA A 77 11.04 4.99 12.14
C ALA A 77 9.96 4.03 11.89
N GLY A 78 9.42 3.57 13.02
CA GLY A 78 8.29 2.68 13.04
C GLY A 78 7.00 3.46 13.25
N LYS A 79 5.98 2.77 13.77
CA LYS A 79 4.66 3.34 14.02
C LYS A 79 4.63 3.94 15.39
N SER A 80 5.40 5.01 15.55
CA SER A 80 5.61 5.64 16.84
C SER A 80 5.16 7.09 16.65
N ALA A 81 4.97 7.80 17.75
CA ALA A 81 4.68 9.24 17.70
C ALA A 81 5.68 9.96 16.89
N THR A 82 6.93 9.58 17.09
CA THR A 82 8.02 10.23 16.37
C THR A 82 7.90 10.03 14.86
N GLY A 83 7.55 8.83 14.43
CA GLY A 83 7.45 8.61 13.06
C GLY A 83 6.32 9.34 12.39
N TYR A 84 5.15 9.37 13.02
CA TYR A 84 4.03 10.14 12.42
C TYR A 84 4.31 11.64 12.45
N ALA A 85 4.82 12.17 13.58
CA ALA A 85 5.18 13.57 13.64
C ALA A 85 6.30 13.88 12.63
N GLY A 86 7.14 12.89 12.35
CA GLY A 86 8.31 13.15 11.46
C GLY A 86 7.86 13.33 10.02
N ILE A 87 6.85 12.59 9.65
CA ILE A 87 6.26 12.74 8.35
C ILE A 87 5.71 14.19 8.17
N LEU A 88 4.88 14.59 9.12
CA LEU A 88 4.33 15.92 9.14
C LEU A 88 5.38 17.03 9.18
N ALA A 89 6.38 16.87 10.02
CA ALA A 89 7.43 17.85 10.09
C ALA A 89 8.09 18.06 8.69
N ALA A 90 8.39 16.97 8.00
CA ALA A 90 8.99 17.02 6.66
C ALA A 90 8.10 17.77 5.69
N LEU A 91 6.79 17.45 5.70
CA LEU A 91 5.91 18.10 4.81
C LEU A 91 5.81 19.61 5.21
N TYR A 92 5.69 19.87 6.49
CA TYR A 92 5.66 21.26 7.04
C TYR A 92 6.88 22.08 6.65
N ALA A 93 8.00 21.41 6.45
CA ALA A 93 9.22 22.17 6.08
C ALA A 93 9.34 22.38 4.53
N GLY A 94 8.35 21.95 3.76
CA GLY A 94 8.36 22.07 2.28
C GLY A 94 9.13 20.94 1.59
N ALA A 95 9.50 19.87 2.32
CA ALA A 95 10.33 18.79 1.89
C ALA A 95 9.53 17.52 1.56
N ALA A 96 10.15 16.62 0.80
CA ALA A 96 9.62 15.33 0.50
C ALA A 96 9.86 14.35 1.65
N VAL A 97 8.89 13.50 1.93
CA VAL A 97 9.03 12.53 2.93
C VAL A 97 9.61 11.30 2.27
N VAL A 98 10.68 10.78 2.89
CA VAL A 98 11.37 9.59 2.39
C VAL A 98 11.37 8.52 3.48
N PRO A 99 10.32 7.71 3.53
CA PRO A 99 10.22 6.72 4.62
C PRO A 99 11.28 5.62 4.47
N LEU A 100 11.88 5.27 5.58
CA LEU A 100 12.96 4.29 5.70
C LEU A 100 12.52 3.31 6.80
N ARG A 101 12.75 2.05 6.54
CA ARG A 101 12.31 0.92 7.39
C ARG A 101 13.42 0.53 8.37
N PRO A 102 13.21 0.76 9.68
CA PRO A 102 14.25 0.33 10.61
C PRO A 102 14.62 -1.17 10.58
N ASP A 103 13.68 -2.01 10.18
CA ASP A 103 13.88 -3.43 10.15
C ASP A 103 14.46 -3.88 8.79
N PHE A 104 14.63 -2.97 7.83
CA PHE A 104 15.29 -3.33 6.54
C PHE A 104 16.82 -3.39 6.67
N PRO A 105 17.46 -4.13 5.77
CA PRO A 105 18.92 -4.19 5.96
C PRO A 105 19.55 -2.84 5.87
N ALA A 106 20.61 -2.62 6.62
CA ALA A 106 21.23 -1.35 6.70
C ALA A 106 21.79 -0.92 5.34
N ALA A 107 22.30 -1.88 4.60
CA ALA A 107 22.94 -1.57 3.33
C ALA A 107 21.88 -1.10 2.36
N ARG A 108 20.66 -1.59 2.51
CA ARG A 108 19.58 -1.21 1.59
C ARG A 108 19.20 0.22 1.94
N THR A 109 19.12 0.51 3.21
CA THR A 109 18.77 1.84 3.65
C THR A 109 19.86 2.85 3.22
N ARG A 110 21.13 2.45 3.24
CA ARG A 110 22.20 3.25 2.70
C ARG A 110 21.94 3.60 1.25
N GLU A 111 21.60 2.62 0.43
CA GLU A 111 21.32 2.88 -0.98
C GLU A 111 20.18 3.90 -1.18
N VAL A 112 19.09 3.74 -0.42
CA VAL A 112 17.97 4.65 -0.47
C VAL A 112 18.37 6.08 -0.03
N LEU A 113 19.25 6.24 0.96
CA LEU A 113 19.62 7.57 1.35
C LEU A 113 20.43 8.18 0.19
N ARG A 114 21.31 7.39 -0.41
CA ARG A 114 22.14 7.92 -1.51
C ARG A 114 21.24 8.28 -2.69
N ALA A 115 20.35 7.38 -3.09
CA ALA A 115 19.50 7.62 -4.24
C ALA A 115 18.57 8.82 -4.07
N SER A 116 18.00 8.98 -2.89
CA SER A 116 17.09 10.04 -2.61
C SER A 116 17.80 11.35 -2.31
N ASP A 117 19.11 11.30 -2.08
CA ASP A 117 19.86 12.48 -1.62
C ASP A 117 19.23 13.15 -0.38
N ALA A 118 18.79 12.33 0.57
CA ALA A 118 18.24 12.84 1.78
C ALA A 118 19.21 13.78 2.45
N ASP A 119 18.66 14.89 2.94
CA ASP A 119 19.39 16.03 3.55
C ASP A 119 19.45 15.86 5.03
N VAL A 120 18.38 15.30 5.61
CA VAL A 120 18.28 15.13 7.06
C VAL A 120 17.60 13.79 7.36
N LEU A 121 17.94 13.20 8.48
CA LEU A 121 17.28 11.96 8.89
C LEU A 121 16.57 12.14 10.27
N ILE A 122 15.34 11.69 10.35
CA ILE A 122 14.58 11.74 11.62
C ILE A 122 14.52 10.29 12.01
N ALA A 123 14.92 9.99 13.24
CA ALA A 123 14.95 8.60 13.73
C ALA A 123 14.21 8.45 15.05
N ASP A 124 13.32 7.46 15.15
CA ASP A 124 12.78 7.06 16.42
C ASP A 124 13.71 6.01 17.12
N ARG A 125 13.25 5.48 18.25
CA ARG A 125 14.02 4.45 18.97
C ARG A 125 14.17 3.17 18.15
N ALA A 126 13.20 2.77 17.39
CA ALA A 126 13.49 1.63 16.49
C ALA A 126 14.59 1.95 15.44
N GLY A 127 14.83 3.23 15.12
CA GLY A 127 15.81 3.56 14.08
C GLY A 127 17.24 3.56 14.57
N LEU A 128 17.42 3.84 15.87
CA LEU A 128 18.76 4.03 16.43
C LEU A 128 19.74 2.90 16.17
N PRO A 129 19.33 1.65 16.38
CA PRO A 129 20.40 0.68 16.20
C PRO A 129 20.90 0.56 14.76
N VAL A 130 20.11 0.99 13.78
CA VAL A 130 20.47 0.78 12.37
C VAL A 130 21.18 1.99 11.77
N LEU A 131 21.34 3.02 12.59
CA LEU A 131 21.72 4.33 12.16
C LEU A 131 23.21 4.42 11.80
N ALA A 132 24.03 3.71 12.55
CA ALA A 132 25.46 3.61 12.25
C ALA A 132 25.65 3.02 10.87
N GLY A 133 24.96 1.91 10.61
CA GLY A 133 24.96 1.30 9.27
C GLY A 133 24.36 2.21 8.18
N ALA A 134 23.27 2.87 8.51
CA ALA A 134 22.53 3.67 7.59
C ALA A 134 23.38 4.81 7.09
N LEU A 135 24.24 5.31 7.95
CA LEU A 135 25.02 6.50 7.64
C LEU A 135 26.46 6.23 7.28
N ALA A 136 26.76 4.97 6.96
CA ALA A 136 28.13 4.55 6.65
C ALA A 136 28.42 4.51 5.12
N GLY A 137 27.84 5.44 4.35
CA GLY A 137 28.32 5.73 2.98
C GLY A 137 29.07 7.05 2.94
N ASP A 142 27.77 14.37 7.04
CA ASP A 142 27.03 15.33 6.21
C ASP A 142 25.46 15.23 6.26
N VAL A 143 24.91 14.23 6.95
CA VAL A 143 23.45 14.06 7.09
C VAL A 143 23.09 14.12 8.56
N PRO A 144 22.65 15.30 9.03
CA PRO A 144 22.28 15.40 10.44
C PRO A 144 21.01 14.61 10.73
N VAL A 145 20.86 14.30 12.01
CA VAL A 145 19.87 13.38 12.52
C VAL A 145 19.08 14.11 13.60
N LEU A 146 17.75 14.04 13.49
CA LEU A 146 16.88 14.65 14.47
C LEU A 146 16.29 13.43 15.11
N ALA A 147 16.71 13.17 16.36
CA ALA A 147 16.29 11.98 17.11
C ALA A 147 15.94 12.33 18.55
N PRO A 148 14.68 12.72 18.76
CA PRO A 148 14.22 13.29 20.02
C PRO A 148 14.43 12.38 21.20
N ASP A 149 14.32 11.08 20.99
CA ASP A 149 14.32 10.10 22.09
C ASP A 149 15.74 9.62 22.43
N ALA A 150 16.73 9.91 21.59
CA ALA A 150 18.13 9.47 21.76
C ALA A 150 18.96 10.25 22.79
N LEU A 151 19.89 9.59 23.46
CA LEU A 151 20.94 10.30 24.19
C LEU A 151 22.16 10.44 23.29
N ASP A 152 23.01 11.42 23.58
CA ASP A 152 24.18 11.72 22.75
C ASP A 152 25.03 10.46 22.43
N GLY A 153 25.35 9.70 23.47
CA GLY A 153 26.14 8.49 23.31
C GLY A 153 25.44 7.42 22.50
N GLU A 154 24.17 7.60 22.17
CA GLU A 154 23.45 6.63 21.35
C GLU A 154 23.50 6.95 19.84
N LEU A 155 24.15 8.06 19.47
CA LEU A 155 24.33 8.38 18.04
C LEU A 155 25.75 7.98 17.64
N PRO A 156 25.95 7.51 16.40
CA PRO A 156 27.32 7.11 16.09
C PRO A 156 28.26 8.34 16.08
N GLU A 157 29.47 8.16 16.57
CA GLU A 157 30.46 9.25 16.54
C GLU A 157 30.58 9.74 15.10
N GLY A 158 30.83 11.04 14.96
CA GLY A 158 30.87 11.67 13.65
C GLY A 158 29.57 12.35 13.31
N VAL A 159 28.45 11.73 13.70
CA VAL A 159 27.12 12.19 13.27
C VAL A 159 26.69 13.42 14.01
N ALA A 160 26.39 14.50 13.30
CA ALA A 160 25.91 15.72 13.89
C ALA A 160 24.41 15.57 14.15
N ARG A 161 23.94 16.24 15.19
CA ARG A 161 22.61 16.09 15.67
C ARG A 161 21.85 17.36 15.46
N LEU A 162 20.58 17.23 15.02
CA LEU A 162 19.67 18.38 14.98
C LEU A 162 18.93 18.45 16.26
N VAL A 163 19.12 19.55 16.98
CA VAL A 163 18.42 19.76 18.22
C VAL A 163 17.45 20.91 18.03
N PRO A 164 16.15 20.62 17.86
CA PRO A 164 15.24 21.70 17.52
C PRO A 164 15.07 22.74 18.62
N ARG A 165 15.16 24.01 18.24
CA ARG A 165 15.10 25.10 19.21
C ARG A 165 13.71 25.71 19.06
N PRO A 166 12.98 25.92 20.19
CA PRO A 166 11.63 26.48 20.15
C PRO A 166 11.54 27.88 19.49
N GLU A 167 12.64 28.64 19.52
CA GLU A 167 12.71 29.97 18.90
C GLU A 167 12.76 29.96 17.36
N LEU A 168 13.20 28.84 16.78
CA LEU A 168 13.24 28.69 15.33
C LEU A 168 12.05 27.88 14.80
N SER A 169 11.13 27.51 15.69
CA SER A 169 9.92 26.80 15.33
C SER A 169 9.13 27.59 14.29
N LEU A 170 8.57 26.96 13.27
CA LEU A 170 7.82 27.75 12.24
C LEU A 170 6.54 28.19 12.87
N SER A 171 5.98 29.32 12.42
CA SER A 171 4.69 29.74 12.93
C SER A 171 3.63 29.11 12.14
N GLU A 172 3.99 28.62 10.97
CA GLU A 172 3.00 27.90 10.22
C GLU A 172 3.65 27.02 9.18
N PRO A 173 2.95 26.01 8.72
CA PRO A 173 3.60 25.12 7.78
C PRO A 173 3.90 25.81 6.42
N ALA A 174 4.91 25.31 5.74
CA ALA A 174 5.26 25.74 4.40
C ALA A 174 4.08 25.49 3.50
N ARG A 175 3.92 26.36 2.51
CA ARG A 175 2.92 26.18 1.47
C ARG A 175 3.67 25.79 0.19
N CYS A 176 3.24 24.71 -0.42
CA CYS A 176 3.93 24.09 -1.53
C CYS A 176 3.09 24.24 -2.79
N LYS A 177 3.75 24.13 -3.93
CA LYS A 177 3.13 24.20 -5.22
C LYS A 177 2.75 22.82 -5.63
N PRO A 178 1.75 22.71 -6.50
CA PRO A 178 1.38 21.33 -6.90
C PRO A 178 2.53 20.50 -7.46
N ALA A 179 3.52 21.14 -8.12
CA ALA A 179 4.65 20.41 -8.66
C ALA A 179 5.65 19.89 -7.61
N ASP A 180 5.58 20.36 -6.39
CA ASP A 180 6.66 20.11 -5.42
C ASP A 180 6.49 18.64 -5.03
N PRO A 181 7.61 17.93 -4.83
CA PRO A 181 7.58 16.58 -4.27
C PRO A 181 7.02 16.54 -2.84
N ALA A 182 6.11 15.62 -2.57
CA ALA A 182 5.62 15.34 -1.23
C ALA A 182 6.23 14.07 -0.60
N TYR A 183 6.37 13.05 -1.44
CA TYR A 183 6.85 11.71 -1.06
C TYR A 183 7.77 11.10 -2.13
N LEU A 184 8.79 10.40 -1.63
CA LEU A 184 9.62 9.52 -2.42
C LEU A 184 9.44 8.08 -1.92
N LEU A 185 8.84 7.27 -2.78
CA LEU A 185 8.43 5.88 -2.44
C LEU A 185 9.08 4.92 -3.42
N PHE A 186 9.61 3.83 -2.90
CA PHE A 186 10.36 2.87 -3.73
C PHE A 186 9.49 1.68 -3.99
N THR A 187 9.41 1.30 -5.27
CA THR A 187 8.77 0.07 -5.71
C THR A 187 9.58 -1.17 -5.38
N SER A 188 8.99 -2.36 -5.57
CA SER A 188 9.73 -3.62 -5.31
C SER A 188 9.84 -4.46 -6.56
N PRO A 194 13.55 -2.05 -8.25
CA PRO A 194 13.66 -1.13 -7.11
C PRO A 194 14.00 0.33 -7.44
N LYS A 195 12.95 1.05 -7.85
CA LYS A 195 13.07 2.44 -8.29
C LYS A 195 12.33 3.39 -7.37
N GLY A 196 12.92 4.59 -7.19
CA GLY A 196 12.34 5.72 -6.51
C GLY A 196 11.32 6.49 -7.36
N VAL A 197 10.12 6.61 -6.84
CA VAL A 197 8.99 7.29 -7.48
C VAL A 197 8.75 8.60 -6.76
N VAL A 198 8.70 9.67 -7.53
CA VAL A 198 8.45 10.98 -7.01
C VAL A 198 6.92 11.25 -7.11
N ILE A 199 6.28 11.33 -5.94
CA ILE A 199 4.87 11.67 -5.77
C ILE A 199 4.69 13.14 -5.31
N THR A 200 3.98 13.93 -6.11
CA THR A 200 3.82 15.36 -5.92
C THR A 200 2.64 15.70 -5.02
N HIS A 201 2.72 16.88 -4.44
CA HIS A 201 1.60 17.44 -3.69
C HIS A 201 0.39 17.49 -4.57
N GLY A 202 0.56 17.94 -5.84
CA GLY A 202 -0.60 18.13 -6.72
C GLY A 202 -1.30 16.79 -7.01
N ALA A 203 -0.53 15.73 -7.26
CA ALA A 203 -1.10 14.42 -7.49
C ALA A 203 -1.83 13.85 -6.26
N THR A 204 -1.31 14.10 -5.04
CA THR A 204 -2.01 13.61 -3.86
C THR A 204 -3.21 14.47 -3.66
N GLY A 205 -3.12 15.73 -4.10
CA GLY A 205 -4.28 16.61 -3.97
C GLY A 205 -5.44 16.08 -4.83
N HIS A 206 -5.14 15.63 -6.02
CA HIS A 206 -6.19 15.13 -6.87
C HIS A 206 -6.70 13.81 -6.29
N TYR A 207 -5.79 12.96 -5.84
CA TYR A 207 -6.17 11.69 -5.25
C TYR A 207 -7.17 11.82 -4.10
N PHE A 208 -6.82 12.58 -3.07
CA PHE A 208 -7.66 12.67 -1.92
C PHE A 208 -8.99 13.38 -2.28
N ASP A 209 -8.95 14.32 -3.22
CA ASP A 209 -10.21 14.98 -3.61
C ASP A 209 -11.19 13.96 -4.16
N VAL A 210 -10.65 13.08 -5.01
CA VAL A 210 -11.44 12.07 -5.65
C VAL A 210 -11.85 10.93 -4.71
N MET A 211 -10.94 10.46 -3.87
CA MET A 211 -11.30 9.35 -2.94
C MET A 211 -12.27 9.80 -1.83
N GLU A 212 -12.07 10.99 -1.28
CA GLU A 212 -12.93 11.52 -0.23
C GLU A 212 -14.41 11.52 -0.67
N ARG A 213 -14.65 11.90 -1.94
CA ARG A 213 -15.99 11.89 -2.48
C ARG A 213 -16.62 10.50 -2.55
N ARG A 214 -15.86 9.39 -2.50
CA ARG A 214 -16.48 8.03 -2.45
C ARG A 214 -17.03 7.72 -1.08
N TYR A 215 -16.49 8.36 -0.05
CA TYR A 215 -16.76 7.91 1.33
C TYR A 215 -17.53 8.96 2.15
N ASP A 216 -17.70 8.74 3.46
CA ASP A 216 -18.47 9.61 4.35
C ASP A 216 -17.72 9.73 5.66
N PHE A 217 -16.41 9.68 5.58
CA PHE A 217 -15.56 9.84 6.72
C PHE A 217 -15.87 11.08 7.54
N GLY A 218 -15.75 10.95 8.84
CA GLY A 218 -15.93 12.09 9.72
C GLY A 218 -15.13 11.82 11.00
N ALA A 219 -15.23 12.76 11.94
CA ALA A 219 -14.32 12.83 13.09
C ALA A 219 -14.52 11.73 14.12
N SER A 220 -15.63 11.02 14.01
CA SER A 220 -15.85 9.91 14.87
C SER A 220 -15.25 8.61 14.30
N ASP A 221 -14.69 8.64 13.08
CA ASP A 221 -14.13 7.38 12.49
C ASP A 221 -12.84 7.03 13.09
N VAL A 222 -12.56 5.74 13.02
CA VAL A 222 -11.33 5.17 13.53
C VAL A 222 -10.74 4.29 12.42
N PHE A 223 -9.59 4.70 11.90
CA PHE A 223 -8.95 4.06 10.75
C PHE A 223 -7.83 3.15 11.18
N SER A 224 -7.78 1.96 10.57
CA SER A 224 -6.60 1.11 10.71
C SER A 224 -5.40 1.79 10.05
N GLN A 225 -4.25 1.49 10.58
CA GLN A 225 -2.98 1.88 9.98
C GLN A 225 -2.14 0.61 9.81
N ALA A 226 -2.54 -0.18 8.79
CA ALA A 226 -2.03 -1.54 8.65
C ALA A 226 -0.81 -1.62 7.72
N PHE A 227 -0.72 -0.70 6.80
CA PHE A 227 0.32 -0.71 5.84
C PHE A 227 1.62 -0.27 6.43
N ASP A 228 2.74 -0.82 5.99
CA ASP A 228 4.02 -0.19 6.45
C ASP A 228 4.24 1.25 5.94
N LEU A 229 5.02 2.04 6.67
CA LEU A 229 5.10 3.47 6.39
C LEU A 229 5.82 3.80 5.09
N ASN A 230 6.51 2.80 4.47
CA ASN A 230 7.26 3.01 3.23
C ASN A 230 6.44 2.54 2.03
N PHE A 231 5.21 2.12 2.26
CA PHE A 231 4.29 1.63 1.23
C PHE A 231 3.20 2.69 1.02
N ASP A 232 2.91 2.99 -0.24
CA ASP A 232 2.07 4.09 -0.61
C ASP A 232 0.72 4.13 0.01
N CYS A 233 0.11 2.95 0.23
CA CYS A 233 -1.21 2.87 0.91
C CYS A 233 -1.26 3.42 2.37
N ALA A 234 -0.13 3.52 3.04
CA ALA A 234 -0.11 4.12 4.35
C ALA A 234 -0.41 5.64 4.23
N VAL A 235 -0.22 6.22 3.05
CA VAL A 235 -0.57 7.60 2.84
C VAL A 235 -2.06 7.77 2.87
N PHE A 236 -2.80 6.79 2.32
CA PHE A 236 -4.27 6.82 2.40
C PHE A 236 -4.68 6.69 3.88
N ASP A 237 -4.11 5.74 4.59
CA ASP A 237 -4.38 5.56 6.09
C ASP A 237 -4.26 6.89 6.79
N LEU A 238 -3.17 7.61 6.58
CA LEU A 238 -2.88 8.85 7.32
C LEU A 238 -3.73 10.00 6.91
N PHE A 239 -3.74 10.31 5.60
CA PHE A 239 -4.37 11.53 5.17
C PHE A 239 -5.88 11.49 4.92
N CYS A 240 -6.41 10.29 4.69
CA CYS A 240 -7.87 10.14 4.77
C CYS A 240 -8.34 10.26 6.22
N ALA A 241 -7.69 9.58 7.14
CA ALA A 241 -8.05 9.76 8.55
C ALA A 241 -7.88 11.22 9.01
N TRP A 242 -6.70 11.78 8.81
CA TRP A 242 -6.44 13.13 9.26
C TRP A 242 -7.27 14.18 8.56
N GLY A 243 -7.55 13.92 7.28
CA GLY A 243 -8.46 14.79 6.53
C GLY A 243 -9.85 14.87 7.11
N ALA A 244 -10.23 13.87 7.89
CA ALA A 244 -11.54 13.84 8.46
C ALA A 244 -11.56 14.22 9.95
N GLY A 245 -10.42 14.57 10.53
CA GLY A 245 -10.30 14.70 11.94
C GLY A 245 -10.44 13.40 12.70
N ALA A 246 -10.27 12.28 12.00
CA ALA A 246 -10.45 10.94 12.58
C ALA A 246 -9.21 10.42 13.29
N THR A 247 -9.29 9.25 13.89
CA THR A 247 -8.13 8.66 14.61
C THR A 247 -7.44 7.52 13.81
N VAL A 248 -6.12 7.61 13.71
CA VAL A 248 -5.28 6.55 13.05
C VAL A 248 -4.86 5.50 14.12
N VAL A 249 -5.06 4.19 13.91
CA VAL A 249 -4.63 3.19 14.86
C VAL A 249 -3.70 2.17 14.19
N PRO A 250 -2.40 2.24 14.46
CA PRO A 250 -1.44 1.25 13.95
C PRO A 250 -1.83 -0.14 14.33
N VAL A 251 -1.72 -1.08 13.40
CA VAL A 251 -2.10 -2.41 13.70
C VAL A 251 -0.84 -3.22 14.09
N PRO A 252 -0.66 -3.58 15.37
CA PRO A 252 0.57 -4.29 15.79
C PRO A 252 0.58 -5.76 15.36
N PRO A 253 1.76 -6.38 15.29
CA PRO A 253 1.72 -7.69 14.59
C PRO A 253 0.87 -8.79 15.24
N PRO A 254 0.76 -8.82 16.56
CA PRO A 254 -0.14 -9.80 17.19
C PRO A 254 -1.60 -9.70 16.81
N ALA A 255 -2.04 -8.52 16.41
CA ALA A 255 -3.42 -8.31 16.06
C ALA A 255 -3.86 -9.26 14.93
N TYR A 256 -2.95 -9.68 14.06
CA TYR A 256 -3.32 -10.58 12.92
C TYR A 256 -3.70 -12.00 13.38
N ARG A 257 -3.38 -12.34 14.59
CA ARG A 257 -3.95 -13.54 15.20
C ARG A 257 -5.45 -13.45 15.33
N ASP A 258 -6.00 -12.24 15.34
CA ASP A 258 -7.46 -12.08 15.33
C ASP A 258 -7.92 -10.70 14.93
N LEU A 259 -7.90 -10.42 13.63
CA LEU A 259 -8.20 -9.09 13.14
C LEU A 259 -9.56 -8.64 13.50
N PRO A 260 -10.57 -9.53 13.36
CA PRO A 260 -11.89 -9.01 13.71
C PRO A 260 -12.00 -8.66 15.21
N GLY A 261 -11.28 -9.36 16.07
CA GLY A 261 -11.30 -9.04 17.49
C GLY A 261 -10.67 -7.67 17.71
N PHE A 262 -9.52 -7.46 17.10
CA PHE A 262 -8.81 -6.18 17.16
C PHE A 262 -9.72 -5.06 16.64
N ILE A 263 -10.33 -5.24 15.46
CA ILE A 263 -11.19 -4.17 14.90
C ILE A 263 -12.29 -3.83 15.86
N THR A 264 -12.95 -4.84 16.41
CA THR A 264 -14.04 -4.59 17.35
C THR A 264 -13.57 -4.02 18.67
N ALA A 265 -12.49 -4.58 19.24
CA ALA A 265 -11.93 -4.00 20.46
C ALA A 265 -11.58 -2.50 20.32
N GLN A 266 -11.02 -2.14 19.17
CA GLN A 266 -10.51 -0.77 18.96
C GLN A 266 -11.57 0.19 18.41
N GLY A 267 -12.74 -0.34 18.07
CA GLY A 267 -13.79 0.43 17.44
C GLY A 267 -13.41 0.92 16.04
N ILE A 268 -12.57 0.19 15.29
CA ILE A 268 -12.14 0.58 13.95
C ILE A 268 -13.36 0.61 13.04
N THR A 269 -13.59 1.73 12.39
CA THR A 269 -14.72 1.84 11.41
C THR A 269 -14.30 1.72 9.95
N VAL A 270 -13.01 1.99 9.68
CA VAL A 270 -12.47 1.93 8.35
C VAL A 270 -11.28 0.97 8.36
N TRP A 271 -11.35 -0.14 7.61
CA TRP A 271 -10.23 -1.09 7.50
C TRP A 271 -9.67 -1.06 6.13
N PHE A 272 -8.34 -1.08 6.04
CA PHE A 272 -7.67 -1.06 4.75
C PHE A 272 -6.41 -1.91 4.86
N SER A 273 -6.28 -2.89 3.96
CA SER A 273 -5.09 -3.75 3.91
C SER A 273 -5.06 -4.50 2.58
N THR A 274 -4.05 -5.34 2.44
CA THR A 274 -3.97 -6.28 1.35
C THR A 274 -4.99 -7.34 1.70
N PRO A 275 -5.51 -7.97 0.69
CA PRO A 275 -6.59 -8.95 0.91
C PRO A 275 -6.11 -10.29 1.39
N SER A 276 -4.80 -10.49 1.51
CA SER A 276 -4.25 -11.68 2.14
C SER A 276 -4.77 -11.89 3.58
N VAL A 277 -5.20 -10.79 4.23
CA VAL A 277 -5.67 -10.87 5.63
C VAL A 277 -7.01 -11.67 5.77
N ILE A 278 -7.73 -11.81 4.67
CA ILE A 278 -8.98 -12.48 4.69
C ILE A 278 -8.75 -13.98 4.81
N ASP A 279 -7.93 -14.56 3.93
CA ASP A 279 -7.61 -15.96 4.05
C ASP A 279 -6.91 -16.30 5.38
N LEU A 280 -5.98 -15.45 5.78
CA LEU A 280 -5.35 -15.50 7.07
C LEU A 280 -6.38 -15.60 8.21
N THR A 281 -7.30 -14.65 8.31
CA THR A 281 -8.30 -14.65 9.37
C THR A 281 -9.18 -15.90 9.32
N ARG A 282 -9.59 -16.26 8.11
CA ARG A 282 -10.38 -17.47 7.89
C ARG A 282 -9.70 -18.75 8.40
N ARG A 283 -8.46 -18.96 8.00
CA ARG A 283 -7.59 -20.07 8.42
C ARG A 283 -7.49 -20.25 9.91
N LEU A 284 -7.46 -19.15 10.64
CA LEU A 284 -7.34 -19.16 12.09
C LEU A 284 -8.66 -19.34 12.80
N GLY A 285 -9.71 -19.48 12.03
CA GLY A 285 -11.02 -19.74 12.60
C GLY A 285 -11.66 -18.47 13.08
N ALA A 286 -11.10 -17.34 12.70
CA ALA A 286 -11.50 -16.05 13.25
C ALA A 286 -12.57 -15.31 12.39
N LEU A 287 -13.02 -15.93 11.29
CA LEU A 287 -13.86 -15.24 10.32
C LEU A 287 -15.24 -15.82 10.31
N ASP A 288 -15.65 -16.39 11.45
CA ASP A 288 -16.96 -17.05 11.58
C ASP A 288 -18.00 -16.21 12.27
N GLY A 289 -19.04 -15.83 11.54
CA GLY A 289 -20.08 -15.03 12.12
C GLY A 289 -19.78 -13.55 12.01
N PRO A 290 -20.77 -12.70 12.31
CA PRO A 290 -20.64 -11.23 12.23
C PRO A 290 -19.80 -10.63 13.37
N ARG A 291 -18.53 -10.98 13.43
CA ARG A 291 -17.66 -10.51 14.52
C ARG A 291 -17.30 -8.99 14.43
N MET A 292 -17.54 -8.33 13.28
CA MET A 292 -17.22 -6.90 13.13
C MET A 292 -18.45 -6.00 12.85
N PRO A 293 -19.44 -5.98 13.77
CA PRO A 293 -20.66 -5.17 13.50
C PRO A 293 -20.45 -3.65 13.32
N GLY A 294 -19.36 -3.08 13.82
CA GLY A 294 -19.20 -1.62 13.82
C GLY A 294 -18.39 -1.12 12.64
N LEU A 295 -17.77 -2.03 11.92
CA LEU A 295 -16.98 -1.66 10.76
C LEU A 295 -17.91 -1.10 9.71
N ARG A 296 -17.48 -0.02 9.02
CA ARG A 296 -18.31 0.63 8.05
C ARG A 296 -17.76 0.49 6.66
N TRP A 297 -16.42 0.45 6.56
CA TRP A 297 -15.68 0.33 5.32
C TRP A 297 -14.62 -0.75 5.40
N SER A 298 -14.69 -1.69 4.44
CA SER A 298 -13.74 -2.78 4.24
C SER A 298 -13.01 -2.59 2.89
N LEU A 299 -11.80 -2.10 2.97
CA LEU A 299 -11.08 -1.68 1.76
C LEU A 299 -9.89 -2.59 1.54
N PHE A 300 -9.70 -3.04 0.31
CA PHE A 300 -8.57 -3.91 0.00
C PHE A 300 -7.81 -3.39 -1.21
N ALA A 301 -6.48 -3.44 -1.13
CA ALA A 301 -5.63 -3.14 -2.31
C ALA A 301 -4.37 -3.95 -2.30
N GLY A 302 -3.71 -3.97 -3.43
CA GLY A 302 -2.35 -4.49 -3.53
C GLY A 302 -2.21 -5.78 -4.31
N GLU A 303 -3.25 -6.60 -4.28
CA GLU A 303 -3.25 -7.85 -5.05
C GLU A 303 -4.65 -8.20 -5.35
N ALA A 304 -4.81 -9.19 -6.21
CA ALA A 304 -6.07 -9.70 -6.66
C ALA A 304 -6.96 -10.02 -5.48
N LEU A 305 -8.18 -9.54 -5.49
CA LEU A 305 -9.17 -9.92 -4.49
C LEU A 305 -10.11 -11.05 -5.01
N LYS A 306 -10.17 -12.22 -4.36
CA LYS A 306 -11.10 -13.30 -4.79
C LYS A 306 -12.47 -13.01 -4.33
N CYS A 307 -13.44 -13.20 -5.22
CA CYS A 307 -14.83 -13.13 -4.88
C CYS A 307 -15.16 -13.79 -3.59
N ARG A 308 -14.66 -15.00 -3.46
CA ARG A 308 -15.04 -15.83 -2.35
C ARG A 308 -14.52 -15.13 -1.13
N ASP A 309 -13.33 -14.55 -1.21
CA ASP A 309 -12.77 -13.84 -0.06
C ASP A 309 -13.60 -12.60 0.30
N ALA A 310 -14.10 -11.89 -0.71
CA ALA A 310 -14.93 -10.71 -0.50
C ALA A 310 -16.20 -11.03 0.21
N ALA A 311 -16.88 -12.08 -0.28
CA ALA A 311 -18.18 -12.53 0.28
C ALA A 311 -17.99 -13.02 1.75
N ASP A 312 -16.93 -13.82 1.99
CA ASP A 312 -16.58 -14.24 3.38
C ASP A 312 -16.33 -13.05 4.27
N TRP A 313 -15.55 -12.04 3.85
CA TRP A 313 -15.31 -10.89 4.72
C TRP A 313 -16.58 -10.13 4.98
N ARG A 314 -17.41 -10.07 3.97
CA ARG A 314 -18.67 -9.36 4.03
C ARG A 314 -19.69 -9.97 5.05
N ALA A 315 -19.73 -11.29 5.10
CA ALA A 315 -20.49 -12.01 6.15
C ALA A 315 -19.93 -11.71 7.54
N ALA A 316 -18.63 -11.51 7.64
CA ALA A 316 -18.03 -11.22 8.95
C ALA A 316 -18.19 -9.75 9.35
N ALA A 317 -18.42 -8.89 8.38
CA ALA A 317 -18.55 -7.42 8.59
C ALA A 317 -19.72 -6.91 7.75
N PRO A 318 -20.95 -7.31 8.10
CA PRO A 318 -22.15 -7.13 7.24
C PRO A 318 -22.63 -5.69 7.07
N GLY A 319 -22.37 -4.84 8.05
CA GLY A 319 -22.65 -3.40 7.92
C GLY A 319 -21.54 -2.58 7.23
N ALA A 320 -20.47 -3.22 6.78
CA ALA A 320 -19.39 -2.49 6.09
C ALA A 320 -19.43 -2.63 4.55
N THR A 321 -19.44 -1.51 3.85
CA THR A 321 -19.20 -1.51 2.41
C THR A 321 -17.79 -1.90 2.03
N LEU A 322 -17.69 -2.82 1.08
CA LEU A 322 -16.40 -3.42 0.69
C LEU A 322 -15.96 -2.89 -0.67
N GLU A 323 -14.68 -2.54 -0.79
CA GLU A 323 -14.16 -2.04 -2.07
C GLU A 323 -12.79 -2.67 -2.35
N ASN A 324 -12.60 -2.91 -3.64
CA ASN A 324 -11.41 -3.38 -4.22
C ASN A 324 -10.78 -2.18 -4.92
N LEU A 325 -9.62 -1.81 -4.42
CA LEU A 325 -8.90 -0.65 -4.86
C LEU A 325 -7.65 -1.10 -5.54
N TYR A 326 -7.35 -0.60 -6.75
CA TYR A 326 -6.24 -1.09 -7.55
C TYR A 326 -5.28 0.03 -7.99
N GLY A 327 -4.01 -0.32 -8.12
CA GLY A 327 -3.13 0.58 -8.81
C GLY A 327 -1.72 0.46 -8.36
N PRO A 328 -0.78 0.97 -9.20
CA PRO A 328 0.64 0.95 -8.93
C PRO A 328 1.14 2.23 -8.29
N THR A 329 2.34 2.16 -7.75
CA THR A 329 2.92 3.30 -7.08
C THR A 329 3.07 4.53 -8.00
N GLU A 330 3.28 4.31 -9.28
CA GLU A 330 3.51 5.32 -10.27
C GLU A 330 2.23 6.05 -10.65
N LEU A 331 1.08 5.59 -10.13
CA LEU A 331 -0.20 6.28 -10.34
C LEU A 331 -0.81 6.79 -9.02
N THR A 332 0.02 7.08 -8.01
CA THR A 332 -0.39 7.62 -6.70
C THR A 332 -1.45 6.85 -5.95
N ILE A 333 -0.96 5.80 -5.30
CA ILE A 333 -1.71 5.07 -4.32
C ILE A 333 -2.70 4.06 -4.93
N THR A 334 -3.84 4.53 -5.40
CA THR A 334 -4.82 3.67 -6.05
C THR A 334 -5.37 4.52 -7.16
N VAL A 335 -5.66 3.84 -8.27
CA VAL A 335 -6.13 4.51 -9.49
C VAL A 335 -7.42 3.93 -10.12
N ALA A 336 -7.93 2.89 -9.51
CA ALA A 336 -9.23 2.33 -9.85
C ALA A 336 -9.88 1.82 -8.65
N ALA A 337 -11.21 1.73 -8.70
CA ALA A 337 -12.00 1.34 -7.53
C ALA A 337 -13.28 0.64 -7.93
N HIS A 338 -13.58 -0.45 -7.21
CA HIS A 338 -14.85 -1.17 -7.37
C HIS A 338 -15.58 -1.27 -6.03
N ARG A 339 -16.83 -0.82 -6.01
CA ARG A 339 -17.70 -0.99 -4.84
C ARG A 339 -18.42 -2.36 -4.97
N TRP A 340 -18.04 -3.27 -4.10
CA TRP A 340 -18.56 -4.64 -4.08
C TRP A 340 -20.07 -4.63 -3.87
N ASP A 341 -20.74 -5.45 -4.65
CA ASP A 341 -22.16 -5.70 -4.45
C ASP A 341 -22.34 -7.22 -4.37
N ASP A 342 -22.97 -7.69 -3.29
CA ASP A 342 -23.05 -9.13 -3.01
C ASP A 342 -23.70 -9.88 -4.17
N GLU A 343 -24.54 -9.21 -4.96
CA GLU A 343 -25.27 -9.88 -6.08
C GLU A 343 -24.60 -9.69 -7.45
N GLU A 344 -24.27 -8.45 -7.76
CA GLU A 344 -23.72 -8.10 -9.07
C GLU A 344 -22.24 -8.41 -9.22
N SER A 345 -21.42 -8.25 -8.18
CA SER A 345 -19.97 -8.36 -8.46
C SER A 345 -19.55 -9.79 -8.86
N PRO A 346 -20.14 -10.81 -8.20
CA PRO A 346 -19.81 -12.15 -8.62
C PRO A 346 -20.17 -12.45 -10.06
N ARG A 347 -21.12 -11.72 -10.64
CA ARG A 347 -21.46 -11.86 -12.05
C ARG A 347 -20.40 -11.31 -12.98
N ALA A 348 -19.72 -10.27 -12.53
CA ALA A 348 -18.75 -9.57 -13.36
C ALA A 348 -17.35 -10.17 -13.17
N ALA A 349 -17.24 -11.09 -12.18
CA ALA A 349 -16.00 -11.69 -11.82
C ALA A 349 -15.40 -12.39 -13.00
N VAL A 350 -14.07 -12.42 -13.09
CA VAL A 350 -13.38 -13.21 -14.10
C VAL A 350 -12.32 -14.04 -13.35
N ASN A 351 -12.31 -15.36 -13.63
CA ASN A 351 -11.30 -16.25 -13.05
C ASN A 351 -11.38 -16.23 -11.51
N GLY A 352 -12.59 -16.06 -11.01
CA GLY A 352 -12.82 -15.97 -9.60
C GLY A 352 -12.41 -14.68 -8.93
N LEU A 353 -11.91 -13.71 -9.68
CA LEU A 353 -11.46 -12.42 -9.08
C LEU A 353 -12.47 -11.30 -9.19
N ALA A 354 -12.68 -10.55 -8.12
CA ALA A 354 -13.53 -9.35 -8.12
C ALA A 354 -13.00 -8.30 -9.08
N PRO A 355 -13.90 -7.52 -9.69
CA PRO A 355 -13.46 -6.43 -10.54
C PRO A 355 -12.61 -5.38 -9.81
N ILE A 356 -11.80 -4.67 -10.56
CA ILE A 356 -11.11 -3.48 -10.11
C ILE A 356 -11.91 -2.23 -10.50
N GLY A 357 -12.93 -2.37 -11.34
CA GLY A 357 -14.01 -1.35 -11.41
C GLY A 357 -13.73 -0.23 -12.38
N ALA A 358 -13.83 1.01 -11.94
CA ALA A 358 -13.64 2.14 -12.82
C ALA A 358 -12.40 2.94 -12.36
N VAL A 359 -11.67 3.53 -13.33
CA VAL A 359 -10.49 4.30 -13.03
C VAL A 359 -10.98 5.56 -12.31
N ASN A 360 -10.11 6.07 -11.48
CA ASN A 360 -10.44 7.30 -10.78
C ASN A 360 -10.77 8.43 -11.76
N ASP A 361 -11.75 9.19 -11.33
CA ASP A 361 -12.14 10.41 -11.98
C ASP A 361 -10.95 11.27 -12.44
N GLY A 362 -11.05 11.77 -13.66
CA GLY A 362 -10.02 12.59 -14.22
C GLY A 362 -9.00 11.81 -15.04
N HIS A 363 -9.12 10.50 -15.10
CA HIS A 363 -8.15 9.65 -15.82
C HIS A 363 -8.73 8.97 -17.00
N ASP A 364 -7.96 8.80 -18.07
CA ASP A 364 -8.33 7.93 -19.16
C ASP A 364 -7.52 6.64 -19.11
N HIS A 365 -8.09 5.59 -19.70
CA HIS A 365 -7.43 4.28 -19.77
C HIS A 365 -7.58 3.68 -21.11
N LEU A 366 -6.67 2.78 -21.45
CA LEU A 366 -6.74 1.93 -22.63
C LEU A 366 -6.33 0.53 -22.23
N LEU A 367 -6.76 -0.42 -23.04
CA LEU A 367 -6.30 -1.84 -22.98
C LEU A 367 -5.62 -2.12 -24.31
N LEU A 368 -4.29 -2.27 -24.31
CA LEU A 368 -3.52 -2.44 -25.56
C LEU A 368 -3.17 -3.90 -25.78
N GLY A 369 -3.12 -4.36 -27.04
CA GLY A 369 -2.80 -5.75 -27.43
C GLY A 369 -1.33 -5.88 -27.76
N GLY A 372 0.34 -3.35 -30.51
CA GLY A 372 0.18 -1.92 -30.17
C GLY A 372 -1.22 -1.33 -30.33
N ASP A 373 -2.23 -2.18 -30.55
CA ASP A 373 -3.56 -1.69 -30.92
C ASP A 373 -4.48 -1.81 -29.72
N PRO A 374 -5.38 -0.83 -29.54
CA PRO A 374 -6.34 -0.88 -28.43
C PRO A 374 -7.34 -2.02 -28.62
N SER A 375 -7.86 -2.60 -27.54
CA SER A 375 -8.92 -3.61 -27.58
C SER A 375 -10.14 -3.14 -26.79
N PRO A 376 -11.35 -3.48 -27.26
CA PRO A 376 -12.49 -3.17 -26.38
C PRO A 376 -12.61 -4.18 -25.21
N ASP A 377 -11.87 -5.29 -25.26
CA ASP A 377 -12.05 -6.42 -24.36
C ASP A 377 -10.92 -6.65 -23.33
N GLU A 378 -9.67 -6.68 -23.78
CA GLU A 378 -8.58 -7.21 -22.93
C GLU A 378 -7.18 -6.81 -23.44
N GLY A 379 -6.26 -6.53 -22.53
CA GLY A 379 -4.90 -6.09 -22.90
C GLY A 379 -4.12 -5.52 -21.72
N GLU A 380 -2.95 -4.94 -22.01
CA GLU A 380 -2.22 -4.23 -20.99
C GLU A 380 -3.01 -2.94 -20.68
N LEU A 381 -3.25 -2.71 -19.39
CA LEU A 381 -3.90 -1.48 -18.92
C LEU A 381 -2.88 -0.36 -18.94
N TRP A 382 -3.22 0.70 -19.65
CA TRP A 382 -2.49 1.93 -19.67
C TRP A 382 -3.41 3.03 -19.12
N VAL A 383 -2.85 3.94 -18.33
CA VAL A 383 -3.63 4.99 -17.67
C VAL A 383 -2.88 6.29 -17.77
N THR A 384 -3.65 7.39 -17.89
CA THR A 384 -3.01 8.71 -17.89
C THR A 384 -3.94 9.60 -17.11
N GLY A 385 -3.39 10.66 -16.53
CA GLY A 385 -4.20 11.61 -15.76
C GLY A 385 -3.43 12.23 -14.64
N PRO A 386 -4.11 12.99 -13.79
CA PRO A 386 -3.38 13.78 -12.75
C PRO A 386 -2.65 13.01 -11.71
N GLN A 387 -2.89 11.72 -11.59
CA GLN A 387 -2.26 10.92 -10.58
C GLN A 387 -0.90 10.32 -11.01
N LEU A 388 -0.46 10.65 -12.19
CA LEU A 388 0.84 10.21 -12.71
C LEU A 388 1.95 10.68 -11.72
N ALA A 389 2.85 9.83 -11.31
CA ALA A 389 4.05 10.27 -10.59
C ALA A 389 4.75 11.30 -11.45
N ALA A 390 5.49 12.19 -10.83
CA ALA A 390 6.30 13.16 -11.58
C ALA A 390 7.29 12.37 -12.44
N GLY A 391 7.77 11.29 -11.88
CA GLY A 391 8.59 10.34 -12.59
C GLY A 391 9.49 9.59 -11.61
N TYR A 392 10.59 9.05 -12.13
CA TYR A 392 11.44 8.19 -11.35
C TYR A 392 12.66 9.01 -10.94
N LEU A 393 13.39 8.59 -9.92
CA LEU A 393 14.59 9.37 -9.53
C LEU A 393 15.59 9.42 -10.67
N ASP A 394 15.61 8.38 -11.48
CA ASP A 394 16.50 8.37 -12.67
C ASP A 394 15.62 8.36 -13.96
N PRO A 395 15.57 9.48 -14.72
CA PRO A 395 14.68 9.60 -15.89
C PRO A 395 14.82 8.48 -16.84
N ALA A 396 16.03 7.94 -16.99
CA ALA A 396 16.25 6.81 -17.87
C ALA A 396 15.38 5.61 -17.51
N ASP A 397 14.95 5.46 -16.27
CA ASP A 397 14.06 4.33 -15.91
C ASP A 397 12.66 4.44 -16.48
N GLU A 398 12.31 5.63 -16.99
CA GLU A 398 10.96 5.87 -17.46
C GLU A 398 10.65 5.11 -18.75
N ARG A 399 11.71 4.86 -19.52
CA ARG A 399 11.57 4.37 -20.88
C ARG A 399 11.10 2.93 -20.77
N GLY A 400 10.01 2.64 -21.43
CA GLY A 400 9.38 1.34 -21.36
C GLY A 400 8.35 1.24 -20.27
N ARG A 401 8.23 2.29 -19.44
CA ARG A 401 7.26 2.27 -18.34
C ARG A 401 6.24 3.41 -18.46
N PHE A 402 6.74 4.64 -18.51
CA PHE A 402 5.95 5.75 -19.02
C PHE A 402 6.14 5.70 -20.55
N ALA A 403 5.12 6.11 -21.31
CA ALA A 403 5.08 6.00 -22.76
C ALA A 403 4.20 7.13 -23.29
N GLU A 404 4.53 7.59 -24.49
CA GLU A 404 3.71 8.57 -25.24
C GLU A 404 2.73 7.86 -26.10
N ARG A 405 1.56 8.48 -26.21
CA ARG A 405 0.54 8.09 -27.16
C ARG A 405 -0.53 9.22 -27.22
N ASP A 406 -0.91 9.65 -28.43
CA ASP A 406 -1.96 10.67 -28.68
C ASP A 406 -1.60 11.96 -28.00
N GLY A 407 -0.29 12.25 -27.96
CA GLY A 407 0.24 13.49 -27.41
C GLY A 407 0.30 13.52 -25.89
N ARG A 408 0.07 12.38 -25.24
CA ARG A 408 -0.01 12.34 -23.78
C ARG A 408 0.93 11.33 -23.14
N ARG A 409 1.21 11.55 -21.87
CA ARG A 409 2.04 10.62 -21.15
C ARG A 409 1.19 9.65 -20.40
N TRP A 410 1.45 8.35 -20.62
CA TRP A 410 0.80 7.27 -19.94
C TRP A 410 1.71 6.45 -19.07
N TYR A 411 1.13 5.72 -18.15
CA TYR A 411 1.86 4.70 -17.38
C TYR A 411 1.39 3.35 -17.87
N ARG A 412 2.36 2.51 -18.26
CA ARG A 412 2.09 1.16 -18.68
C ARG A 412 2.12 0.28 -17.47
N THR A 413 0.97 -0.25 -17.07
CA THR A 413 0.90 -0.96 -15.74
C THR A 413 1.62 -2.31 -15.72
N GLY A 414 1.80 -2.90 -16.90
CA GLY A 414 2.28 -4.27 -16.99
C GLY A 414 1.22 -5.30 -16.48
N ASP A 415 -0.04 -4.88 -16.33
CA ASP A 415 -1.14 -5.76 -15.90
C ASP A 415 -2.06 -6.01 -17.07
N ARG A 416 -2.42 -7.29 -17.24
CA ARG A 416 -3.46 -7.75 -18.15
C ARG A 416 -4.74 -7.59 -17.42
N VAL A 417 -5.63 -6.84 -18.02
CA VAL A 417 -6.90 -6.45 -17.48
C VAL A 417 -7.98 -6.67 -18.56
N ARG A 418 -9.14 -7.15 -18.13
CA ARG A 418 -10.31 -7.35 -18.96
C ARG A 418 -11.46 -6.42 -18.58
N ARG A 419 -12.24 -6.02 -19.57
CA ARG A 419 -13.53 -5.30 -19.43
C ARG A 419 -14.70 -6.33 -19.39
N ALA A 420 -15.42 -6.44 -18.27
CA ALA A 420 -16.64 -7.24 -18.19
C ALA A 420 -17.80 -6.57 -18.98
N PRO A 421 -18.90 -7.30 -19.21
CA PRO A 421 -20.12 -6.62 -19.63
C PRO A 421 -20.62 -5.83 -18.43
N GLY A 422 -20.94 -4.57 -18.64
CA GLY A 422 -21.21 -3.62 -17.57
C GLY A 422 -20.24 -2.45 -17.66
N GLY A 423 -19.01 -2.74 -18.13
CA GLY A 423 -17.95 -1.73 -18.24
C GLY A 423 -16.86 -1.89 -17.17
N ASP A 424 -17.14 -2.58 -16.08
CA ASP A 424 -16.12 -2.81 -15.06
C ASP A 424 -14.84 -3.44 -15.63
N LEU A 425 -13.68 -2.85 -15.29
CA LEU A 425 -12.39 -3.55 -15.44
C LEU A 425 -12.21 -4.67 -14.39
N VAL A 426 -11.50 -5.71 -14.78
CA VAL A 426 -11.16 -6.83 -13.96
C VAL A 426 -9.70 -7.18 -14.25
N TYR A 427 -8.87 -7.18 -13.21
CA TYR A 427 -7.45 -7.60 -13.32
C TYR A 427 -7.39 -9.12 -13.48
N VAL A 428 -6.54 -9.60 -14.40
CA VAL A 428 -6.44 -11.01 -14.77
C VAL A 428 -5.06 -11.45 -14.30
N GLY A 429 -4.02 -10.71 -14.65
CA GLY A 429 -2.66 -11.12 -14.18
C GLY A 429 -1.56 -10.25 -14.72
N ARG A 430 -0.31 -10.62 -14.42
CA ARG A 430 0.79 -9.87 -14.92
C ARG A 430 0.91 -10.17 -16.42
N LEU A 431 1.17 -9.14 -17.18
CA LEU A 431 1.21 -9.25 -18.62
C LEU A 431 2.24 -10.26 -19.00
N ASP A 432 3.37 -10.28 -18.26
CA ASP A 432 4.48 -11.18 -18.61
C ASP A 432 4.46 -12.62 -18.00
N SER A 433 3.41 -12.92 -17.23
CA SER A 433 3.23 -14.27 -16.64
C SER A 433 2.89 -15.38 -17.64
N GLN A 434 2.47 -15.07 -18.87
CA GLN A 434 2.10 -16.14 -19.83
C GLN A 434 3.22 -17.12 -20.07
N LEU A 435 2.85 -18.36 -20.34
CA LEU A 435 3.82 -19.43 -20.56
C LEU A 435 3.49 -20.24 -21.81
N GLN A 436 4.38 -21.16 -22.12
CA GLN A 436 4.25 -22.04 -23.26
C GLN A 436 4.55 -23.45 -22.83
N VAL A 437 3.58 -24.34 -23.03
CA VAL A 437 3.64 -25.73 -22.58
C VAL A 437 3.06 -26.65 -23.65
N VAL A 442 -0.53 -20.81 -22.18
CA VAL A 442 -1.02 -20.95 -20.79
C VAL A 442 -1.04 -19.66 -20.01
N GLU A 443 -2.18 -19.37 -19.39
CA GLU A 443 -2.33 -18.19 -18.56
C GLU A 443 -2.38 -18.69 -17.09
N PRO A 444 -1.30 -18.45 -16.30
CA PRO A 444 -1.32 -19.05 -14.97
C PRO A 444 -2.57 -18.74 -14.19
N ALA A 445 -3.14 -17.56 -14.37
CA ALA A 445 -4.29 -17.17 -13.62
C ALA A 445 -5.54 -18.05 -13.89
N GLU A 446 -5.61 -18.65 -15.07
CA GLU A 446 -6.75 -19.56 -15.42
C GLU A 446 -6.51 -20.87 -14.78
N VAL A 447 -5.26 -21.30 -14.72
CA VAL A 447 -4.97 -22.53 -13.97
C VAL A 447 -5.27 -22.35 -12.49
N GLU A 448 -4.89 -21.23 -11.92
CA GLU A 448 -5.13 -20.95 -10.49
C GLU A 448 -6.63 -20.97 -10.19
N HIS A 449 -7.40 -20.37 -11.06
CA HIS A 449 -8.86 -20.37 -10.93
C HIS A 449 -9.39 -21.77 -11.01
N ALA A 450 -8.94 -22.57 -11.97
CA ALA A 450 -9.36 -23.97 -11.94
C ALA A 450 -8.99 -24.74 -10.64
N VAL A 451 -7.79 -24.50 -10.11
CA VAL A 451 -7.40 -25.17 -8.83
C VAL A 451 -8.33 -24.75 -7.70
N ARG A 452 -8.73 -23.48 -7.65
CA ARG A 452 -9.67 -23.01 -6.59
C ARG A 452 -11.07 -23.58 -6.82
N ALA A 453 -11.50 -23.68 -8.07
CA ALA A 453 -12.84 -24.25 -8.35
C ALA A 453 -12.88 -25.73 -7.95
N CYS A 454 -11.72 -26.37 -7.99
CA CYS A 454 -11.58 -27.73 -7.50
C CYS A 454 -11.43 -27.81 -6.00
N GLY A 455 -11.49 -26.70 -5.26
CA GLY A 455 -11.48 -26.84 -3.80
C GLY A 455 -10.36 -26.21 -3.04
N ALA A 456 -9.37 -25.64 -3.73
CA ALA A 456 -8.34 -24.96 -3.00
C ALA A 456 -8.85 -23.58 -2.58
N ASP A 457 -8.38 -23.12 -1.43
CA ASP A 457 -8.58 -21.77 -0.99
C ASP A 457 -7.84 -20.83 -1.96
N ASP A 458 -6.65 -21.24 -2.43
CA ASP A 458 -5.87 -20.38 -3.30
C ASP A 458 -4.73 -21.17 -3.92
N ALA A 459 -4.21 -20.66 -5.04
CA ALA A 459 -3.29 -21.35 -5.85
C ALA A 459 -2.33 -20.35 -6.47
N VAL A 460 -1.10 -20.78 -6.64
CA VAL A 460 -0.14 -20.05 -7.42
C VAL A 460 0.49 -21.05 -8.37
N VAL A 461 0.39 -20.75 -9.65
CA VAL A 461 0.86 -21.62 -10.69
C VAL A 461 2.05 -20.94 -11.29
N VAL A 462 3.14 -21.66 -11.34
CA VAL A 462 4.34 -21.07 -11.89
C VAL A 462 4.97 -22.03 -12.88
N GLY A 463 5.79 -21.51 -13.78
CA GLY A 463 6.57 -22.33 -14.72
C GLY A 463 7.97 -22.66 -14.18
N VAL A 464 8.48 -23.83 -14.56
CA VAL A 464 9.91 -24.16 -14.28
C VAL A 464 10.82 -24.23 -15.54
N THR A 470 9.79 -26.46 -20.14
CA THR A 470 8.80 -25.62 -19.43
C THR A 470 7.61 -26.46 -18.95
N GLU A 471 7.46 -26.59 -17.65
CA GLU A 471 6.25 -27.18 -17.11
C GLU A 471 5.76 -26.52 -15.87
N LEU A 472 4.54 -26.91 -15.46
CA LEU A 472 3.79 -26.21 -14.42
C LEU A 472 3.93 -26.86 -13.04
N VAL A 473 4.14 -26.00 -12.03
CA VAL A 473 4.03 -26.36 -10.63
C VAL A 473 2.91 -25.52 -10.06
N ALA A 474 1.99 -26.19 -9.38
CA ALA A 474 0.85 -25.54 -8.79
C ALA A 474 0.97 -25.72 -7.29
N PHE A 475 1.19 -24.60 -6.63
CA PHE A 475 1.23 -24.53 -5.22
C PHE A 475 -0.18 -24.20 -4.79
N TYR A 476 -0.63 -24.74 -3.68
CA TYR A 476 -1.98 -24.38 -3.24
C TYR A 476 -2.07 -24.50 -1.75
N THR A 477 -3.03 -23.76 -1.19
CA THR A 477 -3.39 -23.81 0.24
C THR A 477 -4.81 -24.37 0.32
N GLY A 478 -5.20 -24.83 1.49
CA GLY A 478 -6.52 -25.37 1.71
C GLY A 478 -6.44 -26.76 2.32
N ILE A 479 -7.45 -27.59 2.05
CA ILE A 479 -7.40 -29.01 2.42
C ILE A 479 -6.48 -29.79 1.45
N PRO A 480 -5.56 -30.66 1.96
CA PRO A 480 -4.63 -31.38 1.04
C PRO A 480 -5.38 -32.39 0.21
N VAL A 481 -5.10 -32.45 -1.08
CA VAL A 481 -5.71 -33.43 -1.96
C VAL A 481 -4.63 -34.24 -2.70
N GLU A 482 -4.78 -35.55 -2.80
CA GLU A 482 -3.78 -36.36 -3.53
C GLU A 482 -3.75 -35.82 -4.95
N PRO A 483 -2.58 -35.78 -5.55
CA PRO A 483 -2.51 -35.10 -6.81
C PRO A 483 -3.33 -35.76 -7.91
N ARG A 484 -3.49 -37.08 -7.91
CA ARG A 484 -4.27 -37.74 -8.97
C ARG A 484 -5.74 -37.42 -8.84
N GLU A 485 -6.21 -37.17 -7.62
CA GLU A 485 -7.59 -36.66 -7.40
C GLU A 485 -7.71 -35.23 -7.88
N LEU A 486 -6.67 -34.40 -7.70
CA LEU A 486 -6.75 -33.04 -8.12
C LEU A 486 -6.83 -32.99 -9.65
N VAL A 487 -6.00 -33.83 -10.30
CA VAL A 487 -6.07 -33.93 -11.75
C VAL A 487 -7.47 -34.39 -12.20
N ARG A 488 -8.04 -35.40 -11.52
CA ARG A 488 -9.36 -35.84 -11.91
C ARG A 488 -10.35 -34.67 -11.83
N ARG A 489 -10.31 -33.90 -10.74
CA ARG A 489 -11.21 -32.73 -10.64
C ARG A 489 -10.98 -31.69 -11.73
N LEU A 490 -9.70 -31.43 -12.03
CA LEU A 490 -9.34 -30.44 -13.05
C LEU A 490 -9.72 -30.89 -14.43
N ARG A 491 -9.71 -32.20 -14.69
CA ARG A 491 -10.20 -32.66 -16.00
C ARG A 491 -11.73 -32.56 -16.11
N GLU A 492 -12.41 -32.51 -14.97
CA GLU A 492 -13.87 -32.38 -14.82
C GLU A 492 -14.33 -30.90 -14.99
N VAL A 493 -13.53 -29.94 -14.47
CA VAL A 493 -13.82 -28.49 -14.60
C VAL A 493 -13.21 -27.88 -15.87
N VAL A 494 -12.04 -28.34 -16.25
CA VAL A 494 -11.40 -27.88 -17.49
C VAL A 494 -10.92 -29.07 -18.31
N PRO A 495 -11.78 -29.60 -19.18
CA PRO A 495 -11.31 -30.67 -20.06
C PRO A 495 -10.47 -30.09 -21.21
N LEU A 499 -2.74 -28.94 -17.61
CA LEU A 499 -2.60 -29.57 -16.28
C LEU A 499 -1.17 -29.54 -15.80
N PRO A 500 -0.94 -28.99 -14.61
CA PRO A 500 0.31 -29.13 -13.84
C PRO A 500 0.71 -30.60 -13.66
N ARG A 501 2.00 -30.89 -13.72
CA ARG A 501 2.53 -32.20 -13.38
C ARG A 501 2.88 -32.31 -11.90
N HIS A 502 3.00 -31.18 -11.23
CA HIS A 502 3.40 -31.14 -9.80
C HIS A 502 2.46 -30.22 -9.01
N PHE A 503 1.97 -30.75 -7.90
CA PHE A 503 1.09 -30.07 -6.98
C PHE A 503 1.76 -30.01 -5.63
N ARG A 504 1.82 -28.84 -5.00
CA ARG A 504 2.37 -28.74 -3.67
C ARG A 504 1.39 -28.05 -2.79
N HIS A 505 1.01 -28.73 -1.72
CA HIS A 505 0.21 -28.12 -0.67
C HIS A 505 1.15 -27.39 0.28
N LEU A 506 0.71 -26.21 0.68
CA LEU A 506 1.36 -25.32 1.63
C LEU A 506 0.36 -24.93 2.71
N ASP A 507 0.79 -24.80 3.99
CA ASP A 507 -0.06 -24.13 5.02
C ASP A 507 -0.33 -22.66 4.69
N ALA A 508 0.61 -22.03 4.01
CA ALA A 508 0.46 -20.64 3.68
C ALA A 508 1.42 -20.28 2.56
N PHE A 509 1.09 -19.32 1.73
CA PHE A 509 2.10 -18.90 0.78
C PHE A 509 3.13 -18.05 1.50
N PRO A 510 4.37 -18.05 1.05
CA PRO A 510 5.19 -17.03 1.67
C PRO A 510 4.75 -15.60 1.21
N LEU A 511 4.93 -14.61 2.10
CA LEU A 511 4.64 -13.17 1.87
C LEU A 511 5.91 -12.37 1.74
N ASN A 512 5.86 -11.36 0.87
CA ASN A 512 7.02 -10.46 0.69
C ASN A 512 6.91 -9.35 1.72
N ALA A 513 7.88 -8.45 1.69
CA ALA A 513 7.89 -7.28 2.64
C ALA A 513 6.57 -6.49 2.73
N ASN A 514 5.87 -6.40 1.60
CA ASN A 514 4.61 -5.69 1.60
C ASN A 514 3.40 -6.52 1.94
N ARG A 515 3.61 -7.72 2.52
CA ARG A 515 2.51 -8.61 2.79
C ARG A 515 1.74 -9.00 1.52
N LYS A 516 2.43 -9.07 0.36
CA LYS A 516 1.86 -9.74 -0.81
C LYS A 516 2.46 -11.17 -0.97
N THR A 517 1.65 -12.08 -1.51
CA THR A 517 2.15 -13.36 -2.03
C THR A 517 3.44 -13.24 -2.77
N ASP A 518 4.44 -13.97 -2.30
CA ASP A 518 5.73 -13.82 -2.87
C ASP A 518 5.91 -14.84 -4.00
N ARG A 519 5.40 -14.46 -5.16
CA ARG A 519 5.45 -15.27 -6.37
C ARG A 519 6.84 -15.56 -6.89
N LEU A 520 7.78 -14.62 -6.64
CA LEU A 520 9.21 -14.84 -6.97
C LEU A 520 9.81 -15.94 -6.07
N ARG A 521 9.56 -15.86 -4.78
CA ARG A 521 9.95 -16.94 -3.85
C ARG A 521 9.38 -18.31 -4.32
N LEU A 522 8.10 -18.34 -4.60
CA LEU A 522 7.50 -19.59 -5.05
C LEU A 522 8.10 -20.05 -6.37
N THR A 523 8.51 -19.13 -7.24
CA THR A 523 9.08 -19.56 -8.55
C THR A 523 10.45 -20.28 -8.29
N THR A 524 11.21 -19.75 -7.35
CA THR A 524 12.47 -20.37 -6.89
C THR A 524 12.19 -21.70 -6.22
N MET A 525 11.28 -21.71 -5.27
CA MET A 525 10.88 -23.03 -4.70
C MET A 525 10.56 -24.05 -5.79
N ALA A 526 9.77 -23.65 -6.78
CA ALA A 526 9.52 -24.56 -7.91
C ALA A 526 10.79 -25.00 -8.64
N ALA A 527 11.73 -24.07 -8.93
CA ALA A 527 12.92 -24.44 -9.73
C ALA A 527 13.86 -25.40 -9.01
N ASP A 528 14.07 -25.11 -7.72
CA ASP A 528 14.87 -25.95 -6.81
C ASP A 528 14.30 -27.34 -6.63
N GLY A 529 13.00 -27.43 -6.37
CA GLY A 529 12.32 -28.72 -6.25
C GLY A 529 12.16 -29.54 -7.54
N TYR A 530 11.90 -28.89 -8.67
CA TYR A 530 11.55 -29.65 -9.89
C TYR A 530 12.31 -29.28 -11.17
N GLY A 531 13.30 -28.39 -11.08
CA GLY A 531 14.15 -28.02 -12.22
C GLY A 531 14.83 -29.19 -12.90
#